data_2O55
#
_entry.id   2O55
#
_cell.length_a   102.427
_cell.length_b   102.427
_cell.length_c   51.709
_cell.angle_alpha   90.00
_cell.angle_beta   90.00
_cell.angle_gamma   120.00
#
_symmetry.space_group_name_H-M   'P 31 2 1'
#
loop_
_entity.id
_entity.type
_entity.pdbx_description
1 polymer 'putative glycerophosphodiester phosphodiesterase'
2 non-polymer 'SULFATE ION'
3 water water
#
_entity_poly.entity_id   1
_entity_poly.type   'polypeptide(L)'
_entity_poly.pdbx_seq_one_letter_code
;SSKVIIPKIVGHRGVGKEGLAPENTLRSFVLC(MSE)ERNIPYIETDLRVCKTGEIVLFHGTPEGTIPFYKDGTSRIGDL
SLEELKRLDVGGGHTIPSLEELFVAIEEQKFNLKLNLELKGEEWKRKESGDHQRLLLLVEKYH(MSE)QERVDYCSFHHE
ALAHLKALCPDVKITYLFNY(MSE)GQPTPLDFVEQACYGDANGVS(MSE)LFHYLTKEQVCTAHEKGLSVTVW(MSE)P
WIFDDSEEDWKKCLELQVDLICSNYPFGL(MSE)NFLSNISE
;
_entity_poly.pdbx_strand_id   A
#
loop_
_chem_comp.id
_chem_comp.type
_chem_comp.name
_chem_comp.formula
SO4 non-polymer 'SULFATE ION' 'O4 S -2'
#
# COMPACT_ATOMS: atom_id res chain seq x y z
N SER A 2 24.21 -4.75 15.48
CA SER A 2 23.30 -4.43 14.33
C SER A 2 23.73 -5.14 13.03
N LYS A 3 23.46 -6.45 12.98
CA LYS A 3 23.64 -7.29 11.78
C LYS A 3 22.94 -6.64 10.57
N VAL A 4 23.73 -6.22 9.57
CA VAL A 4 23.23 -5.37 8.47
C VAL A 4 21.89 -5.82 7.85
N ILE A 5 20.88 -4.94 7.89
CA ILE A 5 19.56 -5.23 7.32
C ILE A 5 19.49 -4.89 5.82
N ILE A 6 19.30 -5.91 4.98
CA ILE A 6 18.96 -5.68 3.58
C ILE A 6 17.42 -5.52 3.49
N PRO A 7 16.96 -4.35 3.03
CA PRO A 7 15.51 -4.09 3.07
C PRO A 7 14.80 -4.85 1.97
N LYS A 8 13.53 -5.16 2.16
CA LYS A 8 12.77 -5.84 1.11
C LYS A 8 11.99 -4.83 0.26
N ILE A 9 11.76 -5.17 -1.01
CA ILE A 9 11.06 -4.25 -1.93
C ILE A 9 9.55 -4.32 -1.77
N VAL A 10 8.90 -3.17 -1.67
CA VAL A 10 7.45 -3.10 -1.84
C VAL A 10 7.14 -2.41 -3.16
N GLY A 11 6.45 -3.10 -4.07
CA GLY A 11 6.08 -2.52 -5.36
C GLY A 11 4.96 -1.50 -5.25
N HIS A 12 5.31 -0.22 -5.36
CA HIS A 12 4.35 0.87 -5.21
C HIS A 12 3.32 0.84 -6.34
N ARG A 13 2.07 0.60 -5.97
CA ARG A 13 0.96 0.43 -6.90
C ARG A 13 1.25 -0.62 -7.97
N GLY A 14 2.09 -1.58 -7.61
CA GLY A 14 2.58 -2.62 -8.53
C GLY A 14 4.00 -2.32 -8.99
N VAL A 15 4.20 -2.31 -10.30
CA VAL A 15 5.51 -2.07 -10.88
C VAL A 15 5.84 -0.60 -10.76
N GLY A 16 5.01 0.13 -10.03
CA GLY A 16 5.28 1.54 -9.77
C GLY A 16 5.42 2.34 -11.04
N LYS A 17 6.42 3.22 -11.08
CA LYS A 17 6.64 4.14 -12.20
C LYS A 17 7.50 3.54 -13.32
N GLU A 18 7.74 2.23 -13.28
CA GLU A 18 8.46 1.59 -14.38
C GLU A 18 7.57 1.67 -15.63
N GLY A 19 8.17 1.52 -16.81
CA GLY A 19 7.38 1.57 -18.04
C GLY A 19 6.24 0.56 -18.17
N LEU A 20 6.48 -0.68 -17.74
CA LEU A 20 5.81 -1.86 -18.29
C LEU A 20 4.29 -2.02 -18.15
N ALA A 21 3.65 -1.22 -17.28
CA ALA A 21 2.22 -1.33 -17.04
C ALA A 21 1.67 -0.18 -16.22
N PRO A 22 0.35 0.10 -16.38
CA PRO A 22 -0.37 1.14 -15.60
C PRO A 22 -0.52 0.82 -14.12
N GLU A 23 -0.47 1.86 -13.28
CA GLU A 23 -0.58 1.73 -11.83
C GLU A 23 -1.86 0.99 -11.39
N ASN A 24 -1.78 0.24 -10.29
CA ASN A 24 -2.94 -0.43 -9.70
C ASN A 24 -3.77 -1.21 -10.72
N THR A 25 -3.06 -2.00 -11.50
CA THR A 25 -3.62 -2.76 -12.61
C THR A 25 -3.10 -4.19 -12.42
N LEU A 26 -3.95 -5.21 -12.65
CA LEU A 26 -3.53 -6.62 -12.47
C LEU A 26 -2.23 -6.99 -13.18
N ARG A 27 -2.06 -6.46 -14.40
CA ARG A 27 -0.87 -6.75 -15.22
CA ARG A 27 -0.87 -6.77 -15.20
C ARG A 27 0.38 -6.25 -14.49
N SER A 28 0.20 -5.16 -13.74
CA SER A 28 1.25 -4.59 -12.92
C SER A 28 1.59 -5.56 -11.77
N PHE A 29 0.57 -6.01 -11.04
CA PHE A 29 0.78 -6.92 -9.91
C PHE A 29 1.31 -8.27 -10.36
N VAL A 30 0.73 -8.82 -11.44
CA VAL A 30 1.23 -10.08 -12.00
C VAL A 30 2.72 -9.94 -12.31
N LEU A 31 3.07 -8.86 -13.02
CA LEU A 31 4.46 -8.59 -13.37
C LEU A 31 5.38 -8.56 -12.15
N CYS A 32 4.87 -8.09 -11.02
CA CYS A 32 5.68 -8.03 -9.80
C CYS A 32 6.00 -9.42 -9.25
N MSE A 33 5.05 -10.34 -9.40
CA MSE A 33 5.27 -11.70 -8.94
C MSE A 33 6.30 -12.35 -9.85
O MSE A 33 7.36 -12.74 -9.41
CB MSE A 33 3.96 -12.49 -8.89
CG MSE A 33 2.90 -11.77 -8.07
SE MSE A 33 1.12 -12.43 -8.36
CE MSE A 33 1.16 -13.85 -6.98
N GLU A 34 5.97 -12.43 -11.14
CA GLU A 34 6.93 -12.87 -12.16
C GLU A 34 8.38 -12.43 -11.90
N ARG A 35 8.59 -11.15 -11.63
CA ARG A 35 9.95 -10.62 -11.38
C ARG A 35 10.42 -10.96 -9.96
N ASN A 36 9.65 -11.81 -9.29
CA ASN A 36 9.90 -12.29 -7.92
C ASN A 36 10.09 -11.17 -6.85
N ILE A 37 9.23 -10.14 -6.87
CA ILE A 37 9.28 -9.06 -5.85
C ILE A 37 8.28 -9.22 -4.68
N PRO A 38 8.78 -9.30 -3.45
CA PRO A 38 8.04 -10.00 -2.38
C PRO A 38 6.76 -9.34 -1.92
N TYR A 39 6.64 -8.02 -2.08
CA TYR A 39 5.51 -7.23 -1.60
C TYR A 39 5.00 -6.27 -2.64
N ILE A 40 3.70 -5.97 -2.63
CA ILE A 40 3.22 -4.78 -3.33
C ILE A 40 2.33 -3.94 -2.42
N GLU A 41 2.27 -2.65 -2.73
CA GLU A 41 1.37 -1.74 -2.05
C GLU A 41 0.25 -1.48 -3.03
N THR A 42 -1.00 -1.42 -2.56
CA THR A 42 -2.12 -0.98 -3.38
C THR A 42 -3.16 -0.17 -2.59
N ASP A 43 -4.02 0.53 -3.33
CA ASP A 43 -4.90 1.54 -2.77
C ASP A 43 -6.36 1.09 -2.78
N LEU A 44 -6.94 0.85 -1.61
CA LEU A 44 -8.34 0.39 -1.50
C LEU A 44 -9.33 1.53 -1.43
N ARG A 45 -10.31 1.53 -2.32
CA ARG A 45 -11.48 2.42 -2.20
C ARG A 45 -12.74 1.61 -2.47
N VAL A 46 -13.88 2.13 -2.03
CA VAL A 46 -15.16 1.45 -2.19
C VAL A 46 -16.05 2.15 -3.21
N CYS A 47 -16.54 1.38 -4.18
CA CYS A 47 -17.39 1.91 -5.26
C CYS A 47 -18.87 1.86 -4.93
N LYS A 48 -19.67 2.51 -5.75
CA LYS A 48 -21.10 2.74 -5.47
C LYS A 48 -21.84 1.49 -4.97
N THR A 49 -21.59 0.34 -5.62
CA THR A 49 -22.37 -0.89 -5.36
C THR A 49 -21.88 -1.76 -4.21
N GLY A 50 -20.90 -1.25 -3.46
CA GLY A 50 -20.40 -1.93 -2.26
C GLY A 50 -18.97 -2.47 -2.28
N GLU A 51 -18.50 -2.92 -3.43
CA GLU A 51 -17.28 -3.71 -3.47
C GLU A 51 -16.01 -2.87 -3.43
N ILE A 52 -14.94 -3.52 -2.97
CA ILE A 52 -13.62 -2.89 -2.77
C ILE A 52 -12.77 -2.96 -4.04
N VAL A 53 -12.42 -1.78 -4.53
CA VAL A 53 -11.75 -1.63 -5.80
C VAL A 53 -10.31 -1.10 -5.58
N LEU A 54 -9.44 -1.20 -6.59
CA LEU A 54 -8.04 -0.77 -6.44
C LEU A 54 -7.77 0.42 -7.33
N PHE A 55 -7.54 1.59 -6.71
CA PHE A 55 -7.37 2.88 -7.43
C PHE A 55 -6.97 4.06 -6.54
N HIS A 56 -5.86 4.72 -6.87
CA HIS A 56 -5.40 5.88 -6.11
C HIS A 56 -6.17 7.11 -6.54
N GLY A 57 -5.91 7.59 -7.75
CA GLY A 57 -6.58 8.79 -8.24
C GLY A 57 -6.04 10.02 -7.58
N THR A 58 -6.60 11.17 -7.92
CA THR A 58 -6.06 12.45 -7.49
C THR A 58 -6.13 12.61 -5.97
N PRO A 59 -5.32 13.54 -5.40
CA PRO A 59 -5.43 14.07 -4.02
C PRO A 59 -6.85 14.11 -3.39
N GLU A 60 -7.89 14.23 -4.20
CA GLU A 60 -9.26 14.21 -3.67
C GLU A 60 -10.12 13.07 -4.28
N GLY A 61 -9.46 11.97 -4.64
CA GLY A 61 -10.17 10.77 -5.09
C GLY A 61 -10.92 10.81 -6.41
N THR A 62 -10.47 11.69 -7.31
CA THR A 62 -11.03 11.86 -8.67
C THR A 62 -10.47 10.79 -9.62
N ILE A 63 -11.17 10.56 -10.74
CA ILE A 63 -10.69 9.70 -11.82
C ILE A 63 -10.35 10.58 -13.03
N PRO A 64 -9.08 11.04 -13.11
CA PRO A 64 -8.66 11.99 -14.16
C PRO A 64 -9.02 11.62 -15.62
N PHE A 65 -8.92 10.34 -15.99
CA PHE A 65 -9.28 9.93 -17.36
C PHE A 65 -10.78 9.81 -17.66
N TYR A 66 -11.61 9.54 -16.65
CA TYR A 66 -13.04 9.30 -16.92
C TYR A 66 -13.88 10.57 -17.03
N LYS A 67 -14.57 10.72 -18.15
CA LYS A 67 -15.48 11.85 -18.43
C LYS A 67 -14.80 13.24 -18.29
N ASP A 68 -15.37 14.13 -17.48
CA ASP A 68 -14.82 15.48 -17.28
C ASP A 68 -13.55 15.45 -16.44
N GLY A 69 -13.13 14.22 -16.12
CA GLY A 69 -12.14 13.97 -15.08
C GLY A 69 -12.84 14.22 -13.77
N THR A 70 -14.13 13.98 -13.74
CA THR A 70 -14.99 14.59 -12.75
C THR A 70 -15.42 13.68 -11.57
N SER A 71 -15.38 12.36 -11.76
CA SER A 71 -16.03 11.44 -10.82
C SER A 71 -15.12 10.83 -9.73
N ARG A 72 -15.70 10.57 -8.56
CA ARG A 72 -15.00 9.80 -7.51
C ARG A 72 -15.46 8.34 -7.60
N ILE A 73 -14.70 7.40 -7.02
CA ILE A 73 -15.04 5.97 -7.12
C ILE A 73 -16.39 5.63 -6.47
N GLY A 74 -16.65 6.23 -5.31
CA GLY A 74 -17.91 6.05 -4.59
C GLY A 74 -19.12 6.41 -5.41
N ASP A 75 -18.89 6.98 -6.59
CA ASP A 75 -19.96 7.36 -7.51
C ASP A 75 -20.36 6.23 -8.46
N LEU A 76 -19.47 5.25 -8.67
CA LEU A 76 -19.63 4.33 -9.79
C LEU A 76 -19.86 2.87 -9.39
N SER A 77 -20.68 2.18 -10.18
CA SER A 77 -20.90 0.75 -10.03
C SER A 77 -19.61 0.01 -10.35
N LEU A 78 -19.55 -1.26 -9.96
CA LEU A 78 -18.43 -2.12 -10.32
C LEU A 78 -18.28 -2.30 -11.84
N GLU A 79 -19.39 -2.50 -12.52
CA GLU A 79 -19.37 -2.80 -13.95
C GLU A 79 -18.83 -1.63 -14.78
N GLU A 80 -19.36 -0.43 -14.55
CA GLU A 80 -18.87 0.79 -15.22
C GLU A 80 -17.38 1.00 -15.00
N LEU A 81 -16.92 0.70 -13.78
CA LEU A 81 -15.50 0.78 -13.44
C LEU A 81 -14.66 -0.24 -14.20
N LYS A 82 -15.21 -1.45 -14.35
CA LYS A 82 -14.55 -2.48 -15.14
C LYS A 82 -14.85 -2.28 -16.63
N ARG A 83 -15.22 -1.06 -17.00
CA ARG A 83 -15.30 -0.65 -18.40
C ARG A 83 -14.55 0.68 -18.59
N LEU A 84 -13.41 0.81 -17.91
CA LEU A 84 -12.55 1.98 -18.08
C LEU A 84 -11.14 1.61 -18.43
N ASP A 85 -10.62 2.29 -19.44
CA ASP A 85 -9.22 2.17 -19.81
C ASP A 85 -8.39 2.99 -18.83
N VAL A 86 -7.34 2.36 -18.32
CA VAL A 86 -6.30 3.06 -17.57
C VAL A 86 -5.06 3.12 -18.44
N GLY A 87 -4.39 1.99 -18.63
CA GLY A 87 -3.28 1.92 -19.57
C GLY A 87 -3.86 1.54 -20.90
N GLY A 88 -3.00 1.41 -21.91
CA GLY A 88 -3.44 0.93 -23.21
C GLY A 88 -3.83 -0.54 -23.09
N GLY A 89 -5.06 -0.78 -22.65
CA GLY A 89 -5.59 -2.13 -22.62
C GLY A 89 -5.98 -2.71 -21.27
N HIS A 90 -5.55 -2.10 -20.17
CA HIS A 90 -5.81 -2.68 -18.83
C HIS A 90 -6.85 -1.89 -18.07
N THR A 91 -7.44 -2.50 -17.04
CA THR A 91 -8.65 -1.93 -16.42
C THR A 91 -8.62 -1.93 -14.89
N ILE A 92 -9.48 -1.11 -14.28
CA ILE A 92 -9.54 -1.03 -12.81
C ILE A 92 -9.99 -2.37 -12.24
N PRO A 93 -9.15 -3.00 -11.40
CA PRO A 93 -9.51 -4.25 -10.76
C PRO A 93 -10.27 -4.07 -9.44
N SER A 94 -10.94 -5.13 -8.99
CA SER A 94 -11.52 -5.21 -7.65
C SER A 94 -10.45 -5.78 -6.72
N LEU A 95 -10.75 -5.94 -5.43
CA LEU A 95 -9.77 -6.56 -4.57
C LEU A 95 -9.77 -8.05 -4.83
N GLU A 96 -10.96 -8.62 -4.99
CA GLU A 96 -11.15 -10.04 -5.25
C GLU A 96 -10.35 -10.50 -6.46
N GLU A 97 -10.39 -9.74 -7.56
CA GLU A 97 -9.66 -10.11 -8.78
C GLU A 97 -8.16 -10.32 -8.52
N LEU A 98 -7.60 -9.53 -7.62
CA LEU A 98 -6.20 -9.63 -7.30
C LEU A 98 -5.93 -10.89 -6.50
N PHE A 99 -6.88 -11.20 -5.61
CA PHE A 99 -6.79 -12.36 -4.74
C PHE A 99 -6.82 -13.61 -5.59
N VAL A 100 -7.91 -13.74 -6.35
CA VAL A 100 -8.06 -14.71 -7.42
C VAL A 100 -6.78 -14.84 -8.27
N ALA A 101 -6.23 -13.71 -8.72
CA ALA A 101 -4.95 -13.67 -9.48
C ALA A 101 -3.85 -14.42 -8.71
N ILE A 102 -3.70 -14.03 -7.44
CA ILE A 102 -2.64 -14.53 -6.59
C ILE A 102 -2.81 -16.02 -6.33
N GLU A 103 -4.06 -16.45 -6.17
CA GLU A 103 -4.41 -17.83 -5.84
C GLU A 103 -4.10 -18.84 -6.92
N GLU A 104 -4.24 -18.43 -8.19
CA GLU A 104 -3.95 -19.29 -9.35
C GLU A 104 -2.46 -19.39 -9.57
N GLN A 105 -1.76 -18.37 -9.08
CA GLN A 105 -0.30 -18.28 -9.03
C GLN A 105 0.27 -19.17 -7.90
N LYS A 106 1.60 -19.32 -7.81
CA LYS A 106 2.25 -19.99 -6.67
C LYS A 106 3.25 -19.14 -5.82
N PHE A 107 3.53 -17.91 -6.26
CA PHE A 107 4.43 -17.00 -5.55
C PHE A 107 3.77 -16.42 -4.29
N ASN A 108 4.45 -16.57 -3.16
CA ASN A 108 3.98 -16.05 -1.89
C ASN A 108 4.07 -14.50 -1.77
N LEU A 109 3.45 -13.80 -2.71
CA LEU A 109 3.29 -12.35 -2.61
C LEU A 109 2.56 -12.00 -1.34
N LYS A 110 3.05 -10.98 -0.64
CA LYS A 110 2.32 -10.39 0.47
C LYS A 110 1.89 -9.01 0.01
N LEU A 111 0.89 -8.42 0.68
CA LEU A 111 0.34 -7.13 0.25
C LEU A 111 0.33 -6.06 1.35
N ASN A 112 0.62 -4.83 0.94
CA ASN A 112 0.26 -3.66 1.72
C ASN A 112 -0.96 -2.94 1.12
N LEU A 113 -2.07 -3.00 1.85
CA LEU A 113 -3.30 -2.36 1.44
C LEU A 113 -3.48 -1.02 2.15
N GLU A 114 -3.42 0.09 1.39
CA GLU A 114 -3.78 1.40 1.95
C GLU A 114 -5.30 1.68 1.86
N LEU A 115 -5.90 1.97 3.01
CA LEU A 115 -7.25 2.46 3.04
C LEU A 115 -7.28 3.93 2.61
N LYS A 116 -7.42 4.15 1.31
CA LYS A 116 -7.55 5.48 0.75
C LYS A 116 -8.96 5.98 0.98
N GLY A 117 -9.06 6.94 1.89
CA GLY A 117 -10.15 6.97 2.82
C GLY A 117 -10.91 8.25 2.96
N GLU A 118 -12.01 8.29 2.24
CA GLU A 118 -13.06 9.19 2.62
C GLU A 118 -13.72 8.45 3.79
N GLU A 119 -14.17 7.22 3.52
CA GLU A 119 -15.11 6.52 4.39
C GLU A 119 -14.65 5.18 5.00
N TRP A 120 -13.34 5.00 5.09
CA TRP A 120 -12.81 3.98 5.96
C TRP A 120 -12.96 4.45 7.39
N LYS A 121 -13.10 5.76 7.54
CA LYS A 121 -13.18 6.37 8.84
C LYS A 121 -14.58 6.17 9.37
N ARG A 122 -15.54 5.99 8.46
CA ARG A 122 -16.97 5.91 8.80
C ARG A 122 -17.38 4.69 9.65
N LYS A 123 -18.08 4.98 10.74
CA LYS A 123 -18.59 3.99 11.69
C LYS A 123 -19.82 3.22 11.13
N GLU A 124 -19.84 1.92 11.42
CA GLU A 124 -20.07 0.90 10.39
C GLU A 124 -20.99 1.19 9.18
N SER A 125 -20.31 1.22 8.05
CA SER A 125 -20.85 1.20 6.70
C SER A 125 -21.07 -0.24 6.28
N GLY A 126 -20.24 -1.13 6.84
CA GLY A 126 -20.19 -2.54 6.43
C GLY A 126 -18.86 -2.77 5.72
N ASP A 127 -18.13 -1.67 5.54
CA ASP A 127 -16.93 -1.60 4.72
C ASP A 127 -15.80 -2.47 5.23
N HIS A 128 -15.61 -2.46 6.54
CA HIS A 128 -14.47 -3.15 7.15
C HIS A 128 -14.71 -4.65 7.23
N GLN A 129 -15.93 -5.05 7.58
CA GLN A 129 -16.31 -6.44 7.53
C GLN A 129 -16.26 -6.99 6.13
N ARG A 130 -16.65 -6.17 5.15
CA ARG A 130 -16.63 -6.58 3.75
C ARG A 130 -15.20 -6.91 3.41
N LEU A 131 -14.29 -6.04 3.87
CA LEU A 131 -12.89 -6.23 3.61
C LEU A 131 -12.39 -7.51 4.26
N LEU A 132 -12.69 -7.68 5.55
CA LEU A 132 -12.07 -8.74 6.32
C LEU A 132 -12.51 -10.09 5.82
N LEU A 133 -13.82 -10.23 5.62
CA LEU A 133 -14.43 -11.48 5.14
C LEU A 133 -13.91 -11.86 3.79
N LEU A 134 -13.65 -10.85 2.95
CA LEU A 134 -13.02 -11.03 1.65
C LEU A 134 -11.63 -11.59 1.84
N VAL A 135 -10.80 -10.91 2.64
CA VAL A 135 -9.50 -11.44 2.99
C VAL A 135 -9.55 -12.92 3.39
N GLU A 136 -10.40 -13.29 4.33
CA GLU A 136 -10.36 -14.66 4.83
C GLU A 136 -11.00 -15.66 3.88
N LYS A 137 -11.86 -15.16 3.00
CA LYS A 137 -12.43 -16.01 1.98
C LYS A 137 -11.36 -16.40 0.97
N TYR A 138 -10.16 -15.83 1.10
CA TYR A 138 -9.05 -16.17 0.22
C TYR A 138 -7.83 -16.59 1.05
N HIS A 139 -8.10 -16.90 2.31
CA HIS A 139 -7.09 -17.32 3.27
C HIS A 139 -5.88 -16.43 3.14
N MSE A 140 -6.13 -15.11 3.05
CA MSE A 140 -5.08 -14.13 2.84
C MSE A 140 -4.65 -13.47 4.14
O MSE A 140 -3.76 -12.63 4.13
CB MSE A 140 -5.57 -13.07 1.86
CG MSE A 140 -5.53 -13.50 0.39
SE MSE A 140 -3.67 -13.75 -0.18
CE MSE A 140 -4.01 -14.20 -1.96
N GLN A 141 -5.27 -13.87 5.25
CA GLN A 141 -5.03 -13.28 6.59
C GLN A 141 -3.54 -13.05 6.92
N GLU A 142 -2.68 -14.01 6.58
CA GLU A 142 -1.30 -13.96 7.06
C GLU A 142 -0.35 -13.32 6.03
N ARG A 143 -0.93 -12.86 4.91
CA ARG A 143 -0.22 -12.22 3.80
C ARG A 143 -0.66 -10.76 3.52
N VAL A 144 -1.32 -10.13 4.49
CA VAL A 144 -1.95 -8.84 4.26
C VAL A 144 -1.72 -7.92 5.44
N ASP A 145 -1.24 -6.71 5.14
CA ASP A 145 -0.98 -5.69 6.12
C ASP A 145 -1.72 -4.42 5.71
N TYR A 146 -2.57 -3.90 6.59
CA TYR A 146 -3.41 -2.74 6.27
C TYR A 146 -2.76 -1.48 6.80
N CYS A 147 -2.79 -0.41 6.01
CA CYS A 147 -2.21 0.84 6.46
C CYS A 147 -3.03 2.06 6.03
N SER A 148 -2.74 3.20 6.68
CA SER A 148 -3.47 4.44 6.45
C SER A 148 -2.72 5.61 7.05
N PHE A 149 -2.98 6.79 6.50
CA PHE A 149 -2.60 8.05 7.15
C PHE A 149 -3.53 8.36 8.28
N HIS A 150 -4.77 7.91 8.16
CA HIS A 150 -5.79 8.11 9.16
C HIS A 150 -5.95 6.90 10.06
N HIS A 151 -5.40 6.97 11.27
CA HIS A 151 -5.24 5.78 12.11
C HIS A 151 -6.51 5.30 12.77
N GLU A 152 -7.52 6.16 12.78
CA GLU A 152 -8.79 5.74 13.28
C GLU A 152 -9.37 4.66 12.42
N ALA A 153 -9.07 4.68 11.12
CA ALA A 153 -9.64 3.69 10.19
C ALA A 153 -9.15 2.28 10.54
N LEU A 154 -7.87 2.19 10.89
CA LEU A 154 -7.25 0.94 11.29
C LEU A 154 -7.89 0.41 12.55
N ALA A 155 -8.12 1.29 13.53
CA ALA A 155 -8.74 0.88 14.80
C ALA A 155 -10.04 0.09 14.60
N HIS A 156 -10.79 0.46 13.56
CA HIS A 156 -12.05 -0.19 13.22
C HIS A 156 -11.82 -1.62 12.75
N LEU A 157 -10.72 -1.85 12.05
CA LEU A 157 -10.39 -3.22 11.66
C LEU A 157 -10.05 -4.05 12.88
N LYS A 158 -9.04 -3.56 13.60
CA LYS A 158 -8.62 -4.08 14.89
C LYS A 158 -9.81 -4.42 15.81
N ALA A 159 -10.82 -3.55 15.81
CA ALA A 159 -12.01 -3.80 16.64
C ALA A 159 -12.74 -5.09 16.26
N LEU A 160 -12.84 -5.36 14.96
CA LEU A 160 -13.52 -6.55 14.46
C LEU A 160 -12.64 -7.77 14.56
N CYS A 161 -11.38 -7.56 14.23
CA CYS A 161 -10.42 -8.63 14.27
C CYS A 161 -9.02 -8.16 14.74
N PRO A 162 -8.69 -8.36 16.02
CA PRO A 162 -7.42 -7.89 16.58
C PRO A 162 -6.18 -8.54 15.95
N ASP A 163 -6.36 -9.68 15.29
CA ASP A 163 -5.22 -10.38 14.64
C ASP A 163 -4.69 -9.65 13.45
N VAL A 164 -5.48 -8.75 12.87
CA VAL A 164 -5.07 -8.12 11.63
C VAL A 164 -3.75 -7.43 11.86
N LYS A 165 -2.88 -7.48 10.86
CA LYS A 165 -1.64 -6.71 10.84
C LYS A 165 -1.83 -5.30 10.23
N ILE A 166 -1.37 -4.29 10.95
CA ILE A 166 -1.51 -2.90 10.54
C ILE A 166 -0.21 -2.09 10.67
N THR A 167 -0.01 -1.22 9.69
CA THR A 167 1.13 -0.32 9.67
C THR A 167 0.57 1.10 9.73
N TYR A 168 1.06 1.88 10.69
CA TYR A 168 0.68 3.26 10.78
C TYR A 168 1.53 4.04 9.77
N LEU A 169 0.86 4.87 8.95
CA LEU A 169 1.52 5.73 7.97
C LEU A 169 1.68 7.15 8.50
N PHE A 170 2.90 7.69 8.45
CA PHE A 170 3.12 9.06 8.91
C PHE A 170 3.35 10.09 7.82
N ASN A 171 3.57 11.33 8.26
CA ASN A 171 3.88 12.48 7.40
C ASN A 171 2.74 12.75 6.42
N TYR A 172 1.51 12.71 6.93
CA TYR A 172 0.33 12.93 6.12
C TYR A 172 0.47 14.13 5.20
N MSE A 173 0.41 15.38 5.66
CA MSE A 173 0.58 16.38 4.58
C MSE A 173 1.91 17.08 4.70
O MSE A 173 2.00 18.32 4.76
CB MSE A 173 -0.61 17.32 4.43
CG MSE A 173 -1.91 16.64 4.04
SE MSE A 173 -3.51 17.81 4.21
CE MSE A 173 -3.00 19.35 3.04
N GLY A 174 2.96 16.27 4.75
CA GLY A 174 4.28 16.74 5.08
C GLY A 174 4.41 17.06 6.56
N GLN A 175 3.47 16.56 7.37
CA GLN A 175 3.59 16.75 8.79
C GLN A 175 4.86 16.04 9.22
N PRO A 176 5.68 16.70 10.04
CA PRO A 176 6.83 16.00 10.58
C PRO A 176 6.35 14.85 11.44
N THR A 177 7.16 13.80 11.51
CA THR A 177 6.89 12.70 12.40
C THR A 177 6.68 13.27 13.80
N PRO A 178 5.59 12.87 14.50
CA PRO A 178 5.36 13.42 15.84
C PRO A 178 6.29 12.76 16.83
N LEU A 179 6.56 13.43 17.95
CA LEU A 179 7.44 12.84 18.98
C LEU A 179 6.89 11.50 19.38
N ASP A 180 5.58 11.39 19.58
CA ASP A 180 5.00 10.12 20.06
C ASP A 180 4.73 9.07 18.98
N PHE A 181 5.36 9.16 17.82
CA PHE A 181 4.95 8.28 16.73
C PHE A 181 5.05 6.82 17.08
N VAL A 182 6.03 6.49 17.91
CA VAL A 182 6.29 5.11 18.24
C VAL A 182 5.30 4.66 19.33
N GLU A 183 4.97 5.55 20.25
CA GLU A 183 3.95 5.27 21.23
C GLU A 183 2.58 5.09 20.60
N GLN A 184 2.28 5.91 19.61
CA GLN A 184 1.02 5.85 18.88
C GLN A 184 0.79 4.45 18.32
N ALA A 185 1.82 3.95 17.63
CA ALA A 185 1.70 2.75 16.84
C ALA A 185 1.52 1.54 17.73
N CYS A 186 2.20 1.54 18.88
CA CYS A 186 2.11 0.44 19.85
C CYS A 186 0.76 0.41 20.51
N TYR A 187 0.38 1.55 21.06
CA TYR A 187 -0.95 1.75 21.62
C TYR A 187 -2.08 1.30 20.69
N GLY A 188 -1.88 1.58 19.40
CA GLY A 188 -2.83 1.23 18.36
C GLY A 188 -2.59 -0.17 17.85
N ASP A 189 -1.62 -0.85 18.45
CA ASP A 189 -1.34 -2.25 18.15
C ASP A 189 -0.90 -2.45 16.71
N ALA A 190 -0.27 -1.43 16.14
CA ALA A 190 0.40 -1.53 14.86
C ALA A 190 1.67 -2.34 15.02
N ASN A 191 2.03 -3.11 14.00
CA ASN A 191 3.31 -3.81 14.05
C ASN A 191 4.41 -3.08 13.29
N GLY A 192 4.01 -2.10 12.49
CA GLY A 192 5.00 -1.33 11.73
C GLY A 192 4.64 0.13 11.61
N VAL A 193 5.63 0.93 11.22
CA VAL A 193 5.48 2.33 10.84
C VAL A 193 6.01 2.55 9.44
N SER A 194 5.47 3.59 8.78
CA SER A 194 5.88 3.91 7.43
C SER A 194 6.02 5.42 7.22
N MSE A 195 7.17 5.85 6.70
CA MSE A 195 7.46 7.27 6.66
C MSE A 195 7.90 7.71 5.31
O MSE A 195 8.52 6.95 4.58
CB MSE A 195 8.59 7.61 7.63
CG MSE A 195 8.96 6.45 8.57
SE MSE A 195 7.97 6.50 10.23
CE MSE A 195 8.36 8.40 10.59
N LEU A 196 7.60 8.96 4.97
CA LEU A 196 8.09 9.54 3.75
C LEU A 196 9.60 9.73 3.80
N PHE A 197 10.23 9.52 2.66
CA PHE A 197 11.66 9.49 2.58
C PHE A 197 12.27 10.81 3.04
N HIS A 198 11.79 11.93 2.55
CA HIS A 198 12.36 13.24 2.92
C HIS A 198 12.30 13.56 4.43
N TYR A 199 11.41 12.91 5.20
CA TYR A 199 11.21 13.16 6.65
C TYR A 199 11.61 11.98 7.53
N LEU A 200 12.77 11.37 7.26
CA LEU A 200 13.16 10.15 7.98
C LEU A 200 14.62 10.14 8.46
N THR A 201 14.76 10.10 9.77
CA THR A 201 16.02 10.17 10.49
C THR A 201 16.53 8.79 10.79
N LYS A 202 17.84 8.64 10.84
CA LYS A 202 18.51 7.48 11.47
C LYS A 202 17.90 7.18 12.85
N GLU A 203 17.76 8.21 13.68
CA GLU A 203 17.25 8.08 15.03
C GLU A 203 15.80 7.61 15.12
N GLN A 204 14.93 8.02 14.20
CA GLN A 204 13.57 7.44 14.17
C GLN A 204 13.53 5.92 13.87
N VAL A 205 14.29 5.48 12.87
CA VAL A 205 14.49 4.06 12.62
C VAL A 205 14.86 3.29 13.91
N CYS A 206 15.74 3.86 14.73
CA CYS A 206 16.15 3.27 16.01
C CYS A 206 15.09 3.20 17.08
N THR A 207 14.46 4.34 17.32
CA THR A 207 13.32 4.43 18.20
C THR A 207 12.39 3.30 17.84
N ALA A 208 12.03 3.23 16.56
CA ALA A 208 11.11 2.22 16.09
C ALA A 208 11.64 0.80 16.30
N HIS A 209 12.94 0.59 16.08
CA HIS A 209 13.51 -0.74 16.17
C HIS A 209 13.68 -1.21 17.59
N GLU A 210 13.93 -0.26 18.49
CA GLU A 210 14.06 -0.55 19.91
C GLU A 210 12.76 -1.06 20.54
N LYS A 211 11.62 -0.67 19.96
CA LYS A 211 10.31 -1.23 20.32
C LYS A 211 9.90 -2.38 19.38
N GLY A 212 10.83 -2.90 18.60
CA GLY A 212 10.56 -4.06 17.78
C GLY A 212 9.48 -3.80 16.75
N LEU A 213 9.33 -2.55 16.31
CA LEU A 213 8.44 -2.23 15.18
C LEU A 213 9.22 -2.19 13.85
N SER A 214 8.58 -2.56 12.75
CA SER A 214 9.26 -2.49 11.46
C SER A 214 9.13 -1.10 10.81
N VAL A 215 10.14 -0.70 10.03
CA VAL A 215 10.12 0.59 9.35
C VAL A 215 10.15 0.45 7.84
N THR A 216 9.29 1.22 7.19
CA THR A 216 9.12 1.17 5.75
C THR A 216 9.31 2.59 5.22
N VAL A 217 10.24 2.76 4.30
CA VAL A 217 10.35 4.02 3.58
C VAL A 217 9.29 4.09 2.48
N TRP A 218 8.64 5.24 2.42
CA TRP A 218 7.57 5.47 1.47
C TRP A 218 8.04 6.52 0.46
N MSE A 219 8.01 6.16 -0.83
CA MSE A 219 8.29 7.16 -1.89
C MSE A 219 6.97 7.67 -2.48
O MSE A 219 6.23 6.91 -3.07
CB MSE A 219 9.17 6.58 -3.00
CG MSE A 219 10.41 5.83 -2.52
SE MSE A 219 11.73 6.95 -1.63
CE MSE A 219 13.15 5.68 -1.58
N PRO A 220 6.69 8.98 -2.31
CA PRO A 220 5.46 9.49 -2.93
C PRO A 220 5.51 9.24 -4.42
N TRP A 221 4.35 9.20 -5.06
CA TRP A 221 4.35 9.03 -6.47
C TRP A 221 5.13 10.16 -7.16
N ILE A 222 4.98 11.38 -6.63
CA ILE A 222 5.69 12.56 -7.19
C ILE A 222 7.21 12.35 -7.37
N PHE A 223 7.79 11.43 -6.61
CA PHE A 223 9.22 11.38 -6.41
C PHE A 223 9.82 10.21 -7.15
N ASP A 224 10.76 10.47 -8.06
CA ASP A 224 11.42 9.38 -8.77
C ASP A 224 12.64 8.92 -8.00
N ASP A 225 12.48 7.89 -7.18
CA ASP A 225 13.60 7.38 -6.39
C ASP A 225 14.65 6.69 -7.25
N SER A 226 15.90 7.04 -7.00
CA SER A 226 17.03 6.51 -7.75
C SER A 226 18.13 5.99 -6.79
N GLU A 227 19.17 5.38 -7.35
CA GLU A 227 20.27 4.78 -6.59
C GLU A 227 20.77 5.63 -5.41
N GLU A 228 20.84 6.94 -5.61
CA GLU A 228 21.28 7.86 -4.57
C GLU A 228 20.47 7.73 -3.28
N ASP A 229 19.17 7.49 -3.43
CA ASP A 229 18.23 7.47 -2.32
C ASP A 229 18.29 6.12 -1.62
N TRP A 230 18.38 5.09 -2.43
CA TRP A 230 18.52 3.75 -1.94
C TRP A 230 19.76 3.59 -1.09
N LYS A 231 20.82 4.29 -1.47
CA LYS A 231 22.04 4.36 -0.70
C LYS A 231 21.74 4.86 0.71
N LYS A 232 20.96 5.93 0.80
CA LYS A 232 20.56 6.48 2.10
C LYS A 232 19.62 5.52 2.85
N CYS A 233 18.65 4.96 2.14
CA CYS A 233 17.81 3.93 2.74
C CYS A 233 18.60 2.85 3.49
N LEU A 234 19.63 2.29 2.87
CA LEU A 234 20.53 1.34 3.54
C LEU A 234 21.25 1.93 4.76
N GLU A 235 21.83 3.12 4.61
CA GLU A 235 22.39 3.84 5.75
C GLU A 235 21.39 3.92 6.90
N LEU A 236 20.15 4.25 6.58
CA LEU A 236 19.06 4.30 7.57
C LEU A 236 18.74 2.96 8.21
N GLN A 237 18.94 1.87 7.47
CA GLN A 237 18.65 0.52 7.94
C GLN A 237 17.14 0.23 8.10
N VAL A 238 16.34 0.82 7.23
CA VAL A 238 14.91 0.50 7.12
C VAL A 238 14.69 -0.96 6.75
N ASP A 239 13.49 -1.47 7.02
CA ASP A 239 13.11 -2.86 6.73
C ASP A 239 12.54 -3.06 5.34
N LEU A 240 11.80 -2.08 4.85
CA LEU A 240 11.14 -2.20 3.56
C LEU A 240 11.24 -0.85 2.86
N ILE A 241 11.17 -0.88 1.54
CA ILE A 241 11.17 0.34 0.75
C ILE A 241 10.05 0.28 -0.25
N CYS A 242 9.10 1.20 -0.10
CA CYS A 242 8.00 1.26 -1.02
C CYS A 242 8.48 2.15 -2.16
N SER A 243 9.01 1.50 -3.20
CA SER A 243 9.71 2.14 -4.31
C SER A 243 8.85 2.37 -5.54
N ASN A 244 9.12 3.46 -6.24
CA ASN A 244 8.45 3.72 -7.51
C ASN A 244 9.21 3.04 -8.65
N TYR A 245 10.39 2.51 -8.33
CA TYR A 245 11.16 1.75 -9.30
C TYR A 245 11.68 0.45 -8.70
N PRO A 246 10.76 -0.52 -8.43
CA PRO A 246 11.17 -1.79 -7.80
C PRO A 246 12.27 -2.57 -8.58
N PHE A 247 12.17 -2.59 -9.91
CA PHE A 247 13.12 -3.31 -10.74
C PHE A 247 14.51 -2.67 -10.64
N GLY A 248 14.55 -1.33 -10.60
CA GLY A 248 15.78 -0.59 -10.33
C GLY A 248 16.31 -0.87 -8.94
N LEU A 249 15.40 -0.91 -7.97
CA LEU A 249 15.75 -1.19 -6.59
C LEU A 249 16.31 -2.59 -6.46
N MSE A 250 15.63 -3.57 -7.07
CA MSE A 250 16.13 -4.94 -7.07
C MSE A 250 17.52 -5.03 -7.70
O MSE A 250 18.43 -5.63 -7.13
CB MSE A 250 15.19 -5.86 -7.84
CG MSE A 250 14.60 -7.03 -7.04
SE MSE A 250 15.75 -8.07 -5.76
CE MSE A 250 14.51 -9.76 -5.43
N ASN A 251 17.66 -4.39 -8.86
CA ASN A 251 18.92 -4.37 -9.60
C ASN A 251 20.04 -3.76 -8.79
N PHE A 252 19.71 -2.71 -8.04
CA PHE A 252 20.61 -2.15 -7.04
C PHE A 252 21.01 -3.20 -5.98
N LEU A 253 20.02 -3.70 -5.24
CA LEU A 253 20.24 -4.58 -4.10
C LEU A 253 21.06 -5.81 -4.50
N SER A 254 20.96 -6.15 -5.79
CA SER A 254 21.87 -7.08 -6.47
C SER A 254 23.31 -6.93 -6.02
N ASN A 255 23.76 -5.67 -5.95
CA ASN A 255 25.14 -5.31 -5.65
C ASN A 255 25.30 -5.05 -4.16
S SO4 B . 1.29 8.66 -2.64
O1 SO4 B . 2.35 9.12 -1.78
O2 SO4 B . 1.03 9.73 -3.58
O3 SO4 B . 1.78 7.55 -3.43
O4 SO4 B . 0.09 8.23 -1.92
S SO4 C . -6.00 9.35 2.16
O1 SO4 C . -5.89 10.64 2.81
O2 SO4 C . -5.93 9.54 0.71
O3 SO4 C . -4.91 8.47 2.61
O4 SO4 C . -7.27 8.74 2.51
S SO4 D . -7.08 10.17 12.39
O1 SO4 D . -7.44 9.27 13.47
O2 SO4 D . -7.40 11.57 12.72
O3 SO4 D . -5.65 10.00 12.12
O4 SO4 D . -7.90 9.81 11.25
#